data_3LZA
#
_entry.id   3LZA
#
_cell.length_a   45.843
_cell.length_b   56.510
_cell.length_c   57.537
_cell.angle_alpha   90.13
_cell.angle_beta   103.27
_cell.angle_gamma   102.85
#
_symmetry.space_group_name_H-M   'P 1'
#
loop_
_entity.id
_entity.type
_entity.pdbx_description
1 polymer 'Putative SnoaL-like polyketide cyclase'
2 water water
#
_entity_poly.entity_id   1
_entity_poly.type   'polypeptide(L)'
_entity_poly.pdbx_seq_one_letter_code
;GKVGDRPIEQQLALGYIKALTEHDYQTLSKYYNRDSVFYDKTADTKYIGTRSIIAFLQRSHEGVLEFDFNIEH(MSE)FN
TGPLVV(MSE)IGNYHLRGPGEQFGKPGKIIDIAIPGVTTLKFDPNTQRLTEQVDL(MSE)DYQT(MSE)SDQLQSQ
;
_entity_poly.pdbx_strand_id   A,B,C,D
#
# COMPACT_ATOMS: atom_id res chain seq x y z
N ASP A 5 -3.18 -46.80 0.54
CA ASP A 5 -2.70 -47.10 -0.84
C ASP A 5 -2.09 -45.85 -1.51
N ARG A 6 -2.12 -44.72 -0.80
CA ARG A 6 -1.47 -43.52 -1.32
C ARG A 6 0.05 -43.68 -1.32
N PRO A 7 0.73 -43.08 -2.32
CA PRO A 7 2.19 -43.07 -2.35
C PRO A 7 2.82 -42.51 -1.06
N ILE A 8 4.03 -42.95 -0.76
CA ILE A 8 4.73 -42.48 0.45
C ILE A 8 4.85 -40.94 0.56
N GLU A 9 5.04 -40.26 -0.57
CA GLU A 9 5.22 -38.84 -0.55
C GLU A 9 3.90 -38.18 -0.13
N GLN A 10 2.80 -38.78 -0.56
CA GLN A 10 1.50 -38.29 -0.13
C GLN A 10 1.21 -38.56 1.35
N GLN A 11 1.63 -39.72 1.86
CA GLN A 11 1.48 -40.02 3.30
C GLN A 11 2.34 -39.08 4.15
N LEU A 12 3.52 -38.73 3.65
CA LEU A 12 4.38 -37.69 4.29
CA LEU A 12 4.37 -37.72 4.30
C LEU A 12 3.66 -36.37 4.37
N ALA A 13 3.05 -35.96 3.26
CA ALA A 13 2.32 -34.68 3.21
C ALA A 13 1.11 -34.65 4.14
N LEU A 14 0.37 -35.74 4.24
CA LEU A 14 -0.79 -35.78 5.15
C LEU A 14 -0.38 -35.73 6.63
N GLY A 15 0.77 -36.33 6.93
CA GLY A 15 1.33 -36.33 8.29
C GLY A 15 1.72 -34.93 8.72
N TYR A 16 2.28 -34.20 7.76
CA TYR A 16 2.68 -32.82 7.94
C TYR A 16 1.48 -31.94 8.14
N ILE A 17 0.47 -32.07 7.28
CA ILE A 17 -0.78 -31.30 7.40
C ILE A 17 -1.54 -31.66 8.71
N LYS A 18 -1.52 -32.90 9.11
CA LYS A 18 -2.18 -33.26 10.37
C LYS A 18 -1.54 -32.51 11.56
N ALA A 19 -0.20 -32.52 11.61
CA ALA A 19 0.55 -31.84 12.70
C ALA A 19 0.28 -30.32 12.64
N LEU A 20 0.31 -29.73 11.45
CA LEU A 20 0.09 -28.30 11.32
C LEU A 20 -1.30 -27.95 11.81
N THR A 21 -2.30 -28.69 11.35
CA THR A 21 -3.70 -28.25 11.63
C THR A 21 -4.13 -28.64 13.06
N GLU A 22 -3.44 -29.64 13.63
CA GLU A 22 -3.63 -29.97 15.05
C GLU A 22 -2.82 -29.11 16.01
N HIS A 23 -2.13 -28.11 15.47
CA HIS A 23 -1.27 -27.23 16.27
C HIS A 23 -0.26 -28.05 17.13
N ASP A 24 0.28 -29.11 16.50
CA ASP A 24 1.17 -30.02 17.21
C ASP A 24 2.60 -29.69 16.80
N TYR A 25 3.28 -28.85 17.59
CA TYR A 25 4.56 -28.30 17.13
C TYR A 25 5.74 -29.23 17.42
N GLN A 26 5.54 -30.18 18.35
CA GLN A 26 6.56 -31.19 18.58
C GLN A 26 6.62 -32.05 17.35
N THR A 27 5.48 -32.54 16.87
CA THR A 27 5.46 -33.34 15.64
C THR A 27 5.84 -32.50 14.43
N LEU A 28 5.31 -31.29 14.31
CA LEU A 28 5.59 -30.47 13.13
C LEU A 28 7.11 -30.19 12.97
N SER A 29 7.77 -29.90 14.10
CA SER A 29 9.18 -29.56 14.09
C SER A 29 10.04 -30.66 13.52
N LYS A 30 9.65 -31.93 13.66
CA LYS A 30 10.36 -33.05 13.00
C LYS A 30 10.49 -32.92 11.47
N TYR A 31 9.57 -32.19 10.82
CA TYR A 31 9.62 -31.99 9.37
C TYR A 31 10.49 -30.84 8.91
N TYR A 32 10.87 -29.95 9.82
CA TYR A 32 11.68 -28.78 9.48
C TYR A 32 13.15 -28.89 9.85
N ASN A 33 13.97 -28.29 8.98
CA ASN A 33 15.38 -27.99 9.29
C ASN A 33 15.60 -26.46 9.24
N ARG A 34 16.83 -26.00 9.45
CA ARG A 34 17.13 -24.56 9.41
C ARG A 34 16.86 -23.90 8.04
N ASP A 35 16.80 -24.67 6.97
CA ASP A 35 16.64 -24.14 5.62
C ASP A 35 15.23 -24.29 5.04
N SER A 36 14.30 -24.83 5.82
CA SER A 36 12.90 -25.00 5.36
C SER A 36 12.27 -23.63 5.10
N VAL A 37 11.56 -23.50 3.99
CA VAL A 37 10.88 -22.27 3.62
C VAL A 37 9.39 -22.49 3.60
N PHE A 38 8.66 -21.61 4.32
CA PHE A 38 7.19 -21.52 4.35
C PHE A 38 6.85 -20.23 3.66
N TYR A 39 6.38 -20.34 2.40
CA TYR A 39 6.16 -19.25 1.50
C TYR A 39 4.67 -19.12 1.18
N ASP A 40 4.06 -17.99 1.53
CA ASP A 40 2.73 -17.71 1.03
C ASP A 40 2.91 -16.76 -0.15
N LYS A 41 2.75 -17.28 -1.37
CA LYS A 41 3.02 -16.50 -2.57
C LYS A 41 2.00 -15.43 -2.74
N THR A 42 0.74 -15.76 -2.40
CA THR A 42 -0.31 -14.75 -2.49
C THR A 42 -0.14 -13.56 -1.54
N ALA A 43 0.43 -13.77 -0.34
CA ALA A 43 0.71 -12.67 0.62
C ALA A 43 2.15 -12.12 0.52
N ASP A 44 3.00 -12.77 -0.26
CA ASP A 44 4.43 -12.45 -0.36
C ASP A 44 5.09 -12.43 1.02
N THR A 45 4.86 -13.47 1.79
CA THR A 45 5.53 -13.63 3.05
C THR A 45 6.27 -14.95 3.08
N LYS A 46 7.39 -14.93 3.77
CA LYS A 46 8.23 -16.11 3.91
C LYS A 46 8.75 -16.27 5.36
N TYR A 47 8.61 -17.46 5.89
CA TYR A 47 9.20 -17.83 7.17
C TYR A 47 10.20 -18.97 6.97
N ILE A 48 11.39 -18.83 7.53
CA ILE A 48 12.48 -19.73 7.18
C ILE A 48 13.10 -20.37 8.42
N GLY A 49 13.20 -21.70 8.40
CA GLY A 49 13.79 -22.46 9.50
C GLY A 49 12.78 -22.84 10.58
N THR A 50 13.05 -23.96 11.25
CA THR A 50 12.23 -24.51 12.36
C THR A 50 11.78 -23.43 13.33
N ARG A 51 12.72 -22.71 13.89
CA ARG A 51 12.37 -21.76 14.93
C ARG A 51 11.45 -20.62 14.44
N SER A 52 11.73 -20.03 13.29
CA SER A 52 10.92 -18.90 12.79
C SER A 52 9.55 -19.36 12.35
N ILE A 53 9.46 -20.56 11.78
CA ILE A 53 8.16 -21.05 11.21
C ILE A 53 7.26 -21.41 12.40
N ILE A 54 7.81 -22.16 13.35
CA ILE A 54 7.05 -22.54 14.54
C ILE A 54 6.58 -21.32 15.31
N ALA A 55 7.46 -20.35 15.52
CA ALA A 55 7.12 -19.11 16.23
C ALA A 55 5.98 -18.35 15.55
N PHE A 56 5.95 -18.33 14.22
CA PHE A 56 4.88 -17.68 13.45
C PHE A 56 3.55 -18.42 13.60
N LEU A 57 3.59 -19.75 13.58
CA LEU A 57 2.39 -20.54 13.70
C LEU A 57 1.84 -20.41 15.11
N GLN A 58 2.72 -20.35 16.11
CA GLN A 58 2.27 -20.10 17.49
C GLN A 58 1.54 -18.77 17.64
N ARG A 59 2.12 -17.68 17.12
CA ARG A 59 1.47 -16.37 17.18
C ARG A 59 0.10 -16.37 16.43
N SER A 60 0.10 -17.00 15.26
CA SER A 60 -1.07 -17.00 14.35
C SER A 60 -2.24 -17.78 14.90
N HIS A 61 -1.95 -18.93 15.50
CA HIS A 61 -2.97 -19.88 15.87
C HIS A 61 -3.28 -19.93 17.36
N GLU A 62 -2.66 -19.06 18.15
CA GLU A 62 -2.94 -19.01 19.59
CA GLU A 62 -2.94 -19.05 19.60
C GLU A 62 -4.41 -18.75 19.79
N GLY A 63 -5.10 -19.66 20.51
CA GLY A 63 -6.49 -19.47 20.85
C GLY A 63 -7.47 -19.93 19.80
N VAL A 64 -6.98 -20.44 18.66
CA VAL A 64 -7.86 -20.83 17.56
C VAL A 64 -8.65 -22.06 18.04
N LEU A 65 -9.94 -22.15 17.66
CA LEU A 65 -10.86 -23.20 18.12
C LEU A 65 -10.90 -24.35 17.14
N GLU A 66 -10.92 -24.00 15.85
CA GLU A 66 -10.94 -25.00 14.77
C GLU A 66 -10.03 -24.56 13.66
N PHE A 67 -9.29 -25.52 13.09
CA PHE A 67 -8.38 -25.27 11.95
C PHE A 67 -8.27 -26.58 11.23
N ASP A 68 -8.71 -26.62 9.97
CA ASP A 68 -8.62 -27.83 9.15
C ASP A 68 -8.34 -27.43 7.73
N PHE A 69 -7.65 -28.32 7.02
CA PHE A 69 -7.45 -28.21 5.58
C PHE A 69 -8.26 -29.34 4.97
N ASN A 70 -9.40 -28.92 4.43
CA ASN A 70 -10.36 -29.77 3.75
C ASN A 70 -9.88 -30.03 2.30
N ILE A 71 -9.32 -31.21 2.08
CA ILE A 71 -8.61 -31.54 0.84
C ILE A 71 -9.59 -32.18 -0.20
N GLU A 72 -9.78 -31.49 -1.32
CA GLU A 72 -10.67 -31.97 -2.40
C GLU A 72 -9.92 -32.97 -3.27
N HIS A 73 -8.65 -32.69 -3.50
CA HIS A 73 -7.82 -33.51 -4.35
C HIS A 73 -6.34 -33.30 -4.02
N MSE A 74 -5.57 -34.38 -4.10
CA MSE A 74 -4.12 -34.27 -3.98
CA MSE A 74 -4.11 -34.37 -3.85
C MSE A 74 -3.44 -35.21 -4.91
O MSE A 74 -4.03 -36.26 -5.30
CB MSE A 74 -3.66 -34.55 -2.54
CB MSE A 74 -3.79 -34.94 -2.44
CG MSE A 74 -3.87 -35.94 -2.07
CG MSE A 74 -2.28 -35.04 -2.06
SE MSE A 74 -3.54 -35.92 -0.19
SE MSE A 74 -1.90 -35.64 -0.22
CE MSE A 74 -1.59 -36.15 -0.22
CE MSE A 74 -3.27 -37.04 -0.22
N PHE A 75 -2.24 -34.82 -5.33
CA PHE A 75 -1.42 -35.60 -6.24
C PHE A 75 0.05 -35.30 -6.08
N ASN A 76 0.93 -36.11 -6.68
CA ASN A 76 2.37 -35.80 -6.60
C ASN A 76 3.14 -36.21 -7.82
N THR A 77 4.27 -35.54 -8.00
CA THR A 77 5.33 -35.96 -8.90
C THR A 77 6.60 -36.04 -8.04
N GLY A 78 7.08 -37.25 -7.81
CA GLY A 78 8.17 -37.44 -6.84
C GLY A 78 7.81 -36.73 -5.53
N PRO A 79 8.78 -36.01 -4.94
CA PRO A 79 8.60 -35.41 -3.62
C PRO A 79 7.81 -34.12 -3.59
N LEU A 80 7.33 -33.67 -4.75
CA LEU A 80 6.43 -32.50 -4.82
C LEU A 80 4.99 -32.94 -4.72
N VAL A 81 4.30 -32.46 -3.68
CA VAL A 81 2.96 -32.90 -3.43
C VAL A 81 2.07 -31.68 -3.56
N VAL A 82 0.94 -31.86 -4.24
CA VAL A 82 0.03 -30.73 -4.49
C VAL A 82 -1.34 -31.03 -3.89
N MSE A 83 -1.89 -30.07 -3.16
CA MSE A 83 -3.13 -30.28 -2.45
C MSE A 83 -4.09 -29.12 -2.72
O MSE A 83 -3.73 -27.97 -2.53
CB MSE A 83 -2.80 -30.39 -0.94
CG MSE A 83 -2.06 -31.66 -0.64
SE MSE A 83 -1.38 -31.64 1.16
CE MSE A 83 -0.06 -30.34 0.90
N ILE A 84 -5.28 -29.43 -3.24
CA ILE A 84 -6.30 -28.45 -3.58
C ILE A 84 -7.48 -28.59 -2.62
N GLY A 85 -7.93 -27.48 -2.06
CA GLY A 85 -9.05 -27.52 -1.15
C GLY A 85 -9.42 -26.20 -0.52
N ASN A 86 -9.85 -26.27 0.73
CA ASN A 86 -10.14 -25.07 1.51
C ASN A 86 -9.71 -25.23 2.96
N TYR A 87 -9.24 -24.14 3.51
CA TYR A 87 -8.89 -24.07 4.91
C TYR A 87 -10.06 -23.47 5.69
N HIS A 88 -10.57 -24.17 6.70
CA HIS A 88 -11.55 -23.52 7.58
CA HIS A 88 -11.60 -23.64 7.64
C HIS A 88 -10.88 -23.16 8.90
N LEU A 89 -11.18 -21.96 9.39
CA LEU A 89 -10.64 -21.50 10.64
C LEU A 89 -11.78 -20.88 11.47
N ARG A 90 -11.84 -21.27 12.75
CA ARG A 90 -12.77 -20.65 13.69
C ARG A 90 -12.02 -20.20 14.92
N GLY A 91 -12.15 -18.91 15.28
CA GLY A 91 -11.43 -18.42 16.44
C GLY A 91 -11.70 -16.96 16.81
N PRO A 92 -11.15 -16.53 17.94
CA PRO A 92 -11.22 -15.11 18.30
C PRO A 92 -10.74 -14.24 17.13
N GLY A 93 -11.40 -13.09 16.95
CA GLY A 93 -11.28 -12.33 15.72
C GLY A 93 -10.36 -11.12 15.77
N GLU A 94 -9.79 -10.85 16.95
CA GLU A 94 -8.87 -9.68 17.12
CA GLU A 94 -8.95 -9.64 17.06
C GLU A 94 -7.93 -9.54 15.93
N GLN A 95 -7.24 -10.64 15.63
CA GLN A 95 -6.19 -10.63 14.62
C GLN A 95 -6.69 -10.50 13.18
N PHE A 96 -8.01 -10.66 12.98
CA PHE A 96 -8.70 -10.44 11.71
C PHE A 96 -9.52 -9.17 11.64
N GLY A 97 -9.27 -8.22 12.54
CA GLY A 97 -10.01 -6.97 12.59
C GLY A 97 -11.38 -7.02 13.26
N LYS A 98 -11.66 -8.08 14.03
CA LYS A 98 -12.98 -8.30 14.61
C LYS A 98 -12.89 -8.68 16.08
N PRO A 99 -12.45 -7.73 16.93
CA PRO A 99 -12.41 -8.00 18.36
C PRO A 99 -13.79 -8.27 18.91
N GLY A 100 -13.84 -9.10 19.94
CA GLY A 100 -15.07 -9.35 20.68
C GLY A 100 -15.98 -10.34 20.00
N LYS A 101 -15.47 -11.00 18.94
CA LYS A 101 -16.24 -11.93 18.10
C LYS A 101 -15.42 -13.17 17.81
N ILE A 102 -16.13 -14.29 17.58
CA ILE A 102 -15.54 -15.50 17.10
C ILE A 102 -15.83 -15.52 15.59
N ILE A 103 -14.78 -15.46 14.79
CA ILE A 103 -14.95 -15.43 13.34
C ILE A 103 -14.94 -16.85 12.82
N ASP A 104 -15.51 -17.04 11.65
CA ASP A 104 -15.54 -18.37 11.01
C ASP A 104 -15.36 -18.18 9.49
N ILE A 105 -14.32 -18.76 8.93
CA ILE A 105 -13.97 -18.51 7.53
C ILE A 105 -13.60 -19.81 6.83
N ALA A 106 -13.84 -19.86 5.52
CA ALA A 106 -13.54 -21.05 4.71
C ALA A 106 -12.86 -20.48 3.48
N ILE A 107 -11.54 -20.68 3.42
CA ILE A 107 -10.64 -20.06 2.44
CA ILE A 107 -10.69 -20.05 2.40
C ILE A 107 -10.16 -21.05 1.37
N PRO A 108 -10.57 -20.85 0.10
CA PRO A 108 -10.00 -21.74 -0.93
C PRO A 108 -8.50 -21.59 -1.00
N GLY A 109 -7.79 -22.66 -1.22
CA GLY A 109 -6.39 -22.51 -1.38
C GLY A 109 -5.75 -23.72 -2.04
N VAL A 110 -4.57 -23.48 -2.55
CA VAL A 110 -3.69 -24.57 -3.07
C VAL A 110 -2.36 -24.53 -2.31
N THR A 111 -1.95 -25.68 -1.76
CA THR A 111 -0.70 -25.82 -1.01
C THR A 111 0.20 -26.86 -1.71
N THR A 112 1.48 -26.52 -1.99
CA THR A 112 2.47 -27.52 -2.38
C THR A 112 3.49 -27.74 -1.26
N LEU A 113 3.91 -28.99 -1.11
CA LEU A 113 4.95 -29.39 -0.20
C LEU A 113 6.02 -30.12 -1.01
N LYS A 114 7.26 -29.71 -0.85
CA LYS A 114 8.38 -30.40 -1.45
C LYS A 114 9.31 -30.88 -0.35
N PHE A 115 9.42 -32.20 -0.23
CA PHE A 115 10.28 -32.84 0.75
C PHE A 115 11.58 -33.29 0.12
N ASP A 116 12.63 -33.35 0.92
CA ASP A 116 13.87 -33.96 0.50
C ASP A 116 13.65 -35.47 0.66
N PRO A 117 13.77 -36.25 -0.43
CA PRO A 117 13.38 -37.66 -0.29
C PRO A 117 14.33 -38.48 0.55
N ASN A 118 15.52 -37.96 0.83
CA ASN A 118 16.47 -38.69 1.64
C ASN A 118 16.36 -38.41 3.16
N THR A 119 15.86 -37.24 3.56
CA THR A 119 15.69 -36.89 4.97
C THR A 119 14.20 -36.82 5.40
N GLN A 120 13.29 -36.81 4.43
CA GLN A 120 11.85 -36.60 4.69
C GLN A 120 11.55 -35.29 5.42
N ARG A 121 12.45 -34.32 5.30
CA ARG A 121 12.19 -32.97 5.82
C ARG A 121 11.71 -32.06 4.69
N LEU A 122 10.94 -31.03 5.07
CA LEU A 122 10.39 -30.08 4.12
C LEU A 122 11.45 -29.10 3.57
N THR A 123 11.53 -28.98 2.25
CA THR A 123 12.43 -28.02 1.61
C THR A 123 11.65 -26.71 1.45
N GLU A 124 10.43 -26.83 0.91
CA GLU A 124 9.57 -25.64 0.67
C GLU A 124 8.09 -26.03 0.71
N GLN A 125 7.31 -25.21 1.39
CA GLN A 125 5.87 -25.19 1.34
C GLN A 125 5.48 -23.90 0.60
N VAL A 126 4.57 -24.02 -0.36
CA VAL A 126 4.04 -22.85 -1.05
C VAL A 126 2.52 -22.82 -0.92
N ASP A 127 2.01 -21.73 -0.37
CA ASP A 127 0.58 -21.52 -0.25
C ASP A 127 0.12 -20.52 -1.24
N LEU A 128 -1.01 -20.82 -1.90
CA LEU A 128 -1.71 -19.83 -2.72
C LEU A 128 -3.14 -19.75 -2.14
N MSE A 129 -3.49 -18.64 -1.47
CA MSE A 129 -4.73 -18.54 -0.72
C MSE A 129 -5.63 -17.51 -1.36
O MSE A 129 -5.17 -16.46 -1.82
CB MSE A 129 -4.46 -18.15 0.72
CG MSE A 129 -3.51 -19.02 1.48
SE MSE A 129 -4.38 -20.72 1.90
CE MSE A 129 -5.81 -20.05 2.91
N ASP A 130 -6.93 -17.81 -1.36
CA ASP A 130 -7.94 -16.88 -1.89
C ASP A 130 -8.34 -15.84 -0.82
N TYR A 131 -7.48 -14.85 -0.64
CA TYR A 131 -7.70 -13.81 0.39
C TYR A 131 -8.87 -12.87 0.09
N GLN A 132 -9.25 -12.68 -1.17
CA GLN A 132 -10.49 -11.92 -1.41
C GLN A 132 -11.73 -12.63 -0.85
N THR A 133 -11.81 -13.97 -0.98
CA THR A 133 -12.96 -14.72 -0.42
C THR A 133 -12.94 -14.55 1.12
N MSE A 134 -11.76 -14.54 1.72
CA MSE A 134 -11.65 -14.35 3.19
C MSE A 134 -12.16 -12.98 3.59
O MSE A 134 -12.92 -12.84 4.54
CB MSE A 134 -10.19 -14.48 3.66
CG MSE A 134 -10.05 -14.51 5.19
SE MSE A 134 -8.19 -14.61 5.66
CE MSE A 134 -7.93 -12.79 5.52
N SER A 135 -11.72 -11.96 2.86
CA SER A 135 -12.13 -10.59 3.11
C SER A 135 -13.63 -10.45 2.99
N ASP A 136 -14.22 -11.02 1.92
CA ASP A 136 -15.67 -10.96 1.71
C ASP A 136 -16.43 -11.56 2.92
N GLN A 137 -15.99 -12.71 3.36
CA GLN A 137 -16.60 -13.38 4.53
C GLN A 137 -16.46 -12.55 5.81
N LEU A 138 -15.26 -12.07 6.09
CA LEU A 138 -15.05 -11.18 7.26
C LEU A 138 -15.87 -9.88 7.24
N GLN A 139 -16.11 -9.27 6.05
CA GLN A 139 -16.94 -8.04 5.97
C GLN A 139 -18.36 -8.26 6.48
N SER A 140 -18.90 -9.48 6.32
CA SER A 140 -20.24 -9.84 6.80
C SER A 140 -20.29 -10.21 8.30
N GLN A 141 -19.13 -10.35 8.93
CA GLN A 141 -19.06 -10.71 10.34
C GLN A 141 -18.69 -9.51 11.23
N ASP B 5 -18.31 -9.18 -13.76
CA ASP B 5 -17.61 -8.10 -12.99
C ASP B 5 -16.35 -8.68 -12.31
N ARG B 6 -15.55 -9.40 -13.10
CA ARG B 6 -14.28 -9.94 -12.62
C ARG B 6 -13.21 -8.85 -12.69
N PRO B 7 -12.20 -8.90 -11.80
CA PRO B 7 -11.12 -7.89 -11.92
C PRO B 7 -10.40 -8.02 -13.28
N ILE B 8 -9.72 -6.98 -13.71
CA ILE B 8 -9.03 -6.99 -15.00
CA ILE B 8 -9.02 -6.96 -15.00
C ILE B 8 -7.96 -8.09 -15.11
N GLU B 9 -7.33 -8.45 -14.01
CA GLU B 9 -6.31 -9.46 -14.06
C GLU B 9 -6.94 -10.84 -14.37
N GLN B 10 -8.12 -11.10 -13.80
CA GLN B 10 -8.84 -12.34 -14.10
C GLN B 10 -9.35 -12.37 -15.54
N GLN B 11 -9.77 -11.20 -16.05
CA GLN B 11 -10.15 -11.06 -17.47
C GLN B 11 -9.00 -11.34 -18.41
N LEU B 12 -7.82 -10.81 -18.11
CA LEU B 12 -6.63 -11.15 -18.87
C LEU B 12 -6.36 -12.61 -18.83
N ALA B 13 -6.47 -13.20 -17.64
CA ALA B 13 -6.21 -14.62 -17.51
C ALA B 13 -7.18 -15.44 -18.38
N LEU B 14 -8.45 -15.07 -18.38
CA LEU B 14 -9.42 -15.75 -19.24
C LEU B 14 -9.11 -15.53 -20.75
N GLY B 15 -8.74 -14.32 -21.16
CA GLY B 15 -8.36 -14.12 -22.59
C GLY B 15 -7.16 -14.99 -23.03
N TYR B 16 -6.14 -15.04 -22.19
CA TYR B 16 -4.99 -15.86 -22.42
C TYR B 16 -5.35 -17.34 -22.51
N ILE B 17 -6.17 -17.82 -21.57
CA ILE B 17 -6.56 -19.22 -21.57
C ILE B 17 -7.44 -19.55 -22.80
N LYS B 18 -8.35 -18.64 -23.14
CA LYS B 18 -9.12 -18.75 -24.39
C LYS B 18 -8.20 -18.95 -25.61
N ALA B 19 -7.19 -18.08 -25.77
CA ALA B 19 -6.26 -18.17 -26.95
C ALA B 19 -5.40 -19.49 -26.95
N LEU B 20 -4.93 -19.86 -25.77
CA LEU B 20 -4.06 -21.02 -25.61
C LEU B 20 -4.80 -22.32 -26.01
N THR B 21 -6.05 -22.41 -25.54
CA THR B 21 -6.86 -23.63 -25.67
C THR B 21 -7.52 -23.75 -27.07
N GLU B 22 -7.70 -22.62 -27.74
CA GLU B 22 -8.12 -22.60 -29.13
C GLU B 22 -6.93 -22.80 -30.11
N HIS B 23 -5.70 -22.84 -29.58
CA HIS B 23 -4.54 -22.87 -30.43
C HIS B 23 -4.46 -21.65 -31.33
N ASP B 24 -4.90 -20.49 -30.84
CA ASP B 24 -4.86 -19.26 -31.61
C ASP B 24 -3.55 -18.51 -31.31
N TYR B 25 -2.50 -18.86 -32.04
CA TYR B 25 -1.14 -18.40 -31.73
C TYR B 25 -0.94 -16.91 -32.02
N GLN B 26 -1.66 -16.34 -32.99
CA GLN B 26 -1.60 -14.87 -33.22
C GLN B 26 -2.12 -14.12 -32.00
N THR B 27 -3.29 -14.51 -31.51
CA THR B 27 -3.86 -13.87 -30.35
C THR B 27 -2.99 -14.13 -29.10
N LEU B 28 -2.55 -15.37 -28.92
CA LEU B 28 -1.77 -15.77 -27.76
C LEU B 28 -0.43 -15.05 -27.74
N SER B 29 0.20 -14.87 -28.91
CA SER B 29 1.51 -14.24 -28.93
CA SER B 29 1.50 -14.22 -28.96
C SER B 29 1.50 -12.77 -28.44
N LYS B 30 0.34 -12.11 -28.49
CA LYS B 30 0.22 -10.75 -27.95
C LYS B 30 0.51 -10.67 -26.44
N TYR B 31 0.39 -11.79 -25.75
CA TYR B 31 0.67 -11.83 -24.31
C TYR B 31 2.16 -12.01 -23.98
N TYR B 32 2.94 -12.40 -24.98
CA TYR B 32 4.35 -12.78 -24.75
C TYR B 32 5.31 -11.72 -25.21
N ASN B 33 6.48 -11.73 -24.57
CA ASN B 33 7.61 -10.95 -25.01
C ASN B 33 8.89 -11.75 -24.84
N ARG B 34 10.05 -11.13 -25.06
CA ARG B 34 11.37 -11.79 -24.96
C ARG B 34 11.58 -12.54 -23.62
N ASP B 35 11.00 -12.01 -22.54
CA ASP B 35 11.31 -12.47 -21.15
C ASP B 35 10.22 -13.33 -20.54
N SER B 36 9.07 -13.50 -21.21
CA SER B 36 8.02 -14.34 -20.62
C SER B 36 8.47 -15.80 -20.34
N VAL B 37 7.98 -16.31 -19.23
CA VAL B 37 8.32 -17.66 -18.79
C VAL B 37 7.10 -18.58 -18.71
N PHE B 38 7.26 -19.78 -19.27
CA PHE B 38 6.32 -20.90 -19.13
CA PHE B 38 6.33 -20.87 -19.06
C PHE B 38 7.08 -21.98 -18.33
N TYR B 39 6.62 -22.27 -17.12
CA TYR B 39 7.23 -23.33 -16.31
C TYR B 39 6.21 -24.40 -15.89
N ASP B 40 6.41 -25.65 -16.30
CA ASP B 40 5.70 -26.82 -15.82
C ASP B 40 6.53 -27.42 -14.70
N LYS B 41 6.15 -27.04 -13.49
CA LYS B 41 6.84 -27.41 -12.29
C LYS B 41 6.76 -28.91 -12.07
N THR B 42 5.61 -29.51 -12.38
CA THR B 42 5.43 -30.93 -12.28
C THR B 42 6.21 -31.75 -13.34
N ALA B 43 6.61 -31.11 -14.42
CA ALA B 43 7.33 -31.76 -15.51
C ALA B 43 8.80 -31.37 -15.61
N ASP B 44 9.29 -30.52 -14.71
CA ASP B 44 10.65 -29.99 -14.75
C ASP B 44 10.98 -29.41 -16.14
N THR B 45 10.08 -28.65 -16.73
CA THR B 45 10.31 -28.08 -18.05
C THR B 45 10.06 -26.57 -17.98
N LYS B 46 10.89 -25.80 -18.68
CA LYS B 46 10.79 -24.38 -18.72
C LYS B 46 11.13 -23.87 -20.11
N TYR B 47 10.36 -22.89 -20.60
CA TYR B 47 10.56 -22.28 -21.90
C TYR B 47 10.50 -20.76 -21.72
N ILE B 48 11.44 -20.04 -22.31
CA ILE B 48 11.52 -18.57 -22.11
C ILE B 48 11.44 -17.80 -23.44
N GLY B 49 10.54 -16.81 -23.50
CA GLY B 49 10.40 -15.94 -24.66
C GLY B 49 9.37 -16.45 -25.68
N THR B 50 8.73 -15.52 -26.37
CA THR B 50 7.74 -15.79 -27.44
C THR B 50 8.13 -16.89 -28.39
N ARG B 51 9.35 -16.83 -28.91
CA ARG B 51 9.79 -17.79 -29.96
C ARG B 51 9.76 -19.22 -29.43
N SER B 52 10.44 -19.42 -28.31
CA SER B 52 10.54 -20.73 -27.66
C SER B 52 9.20 -21.28 -27.17
N ILE B 53 8.36 -20.44 -26.60
CA ILE B 53 7.10 -20.86 -26.00
C ILE B 53 6.14 -21.23 -27.12
N ILE B 54 6.01 -20.37 -28.13
CA ILE B 54 5.08 -20.67 -29.25
C ILE B 54 5.56 -21.93 -30.01
N ALA B 55 6.87 -22.08 -30.17
CA ALA B 55 7.42 -23.25 -30.86
C ALA B 55 7.07 -24.53 -30.09
N PHE B 56 7.10 -24.44 -28.77
CA PHE B 56 6.82 -25.54 -27.87
C PHE B 56 5.34 -25.87 -27.94
N LEU B 57 4.46 -24.88 -27.88
CA LEU B 57 3.03 -25.15 -27.99
C LEU B 57 2.62 -25.71 -29.33
N GLN B 58 3.18 -25.17 -30.41
CA GLN B 58 2.91 -25.67 -31.74
C GLN B 58 3.29 -27.15 -31.94
N ARG B 59 4.51 -27.51 -31.56
CA ARG B 59 4.95 -28.92 -31.52
C ARG B 59 3.97 -29.78 -30.71
N SER B 60 3.75 -29.33 -29.47
CA SER B 60 3.01 -30.10 -28.46
C SER B 60 1.58 -30.37 -28.93
N HIS B 61 0.93 -29.32 -29.44
CA HIS B 61 -0.48 -29.45 -29.78
C HIS B 61 -0.80 -29.73 -31.26
N GLU B 62 0.23 -30.05 -32.07
CA GLU B 62 0.02 -30.41 -33.47
C GLU B 62 -0.96 -31.56 -33.62
N GLY B 63 -2.02 -31.32 -34.37
CA GLY B 63 -3.05 -32.34 -34.63
C GLY B 63 -4.00 -32.63 -33.48
N VAL B 64 -3.91 -31.87 -32.38
CA VAL B 64 -4.88 -31.99 -31.26
C VAL B 64 -6.31 -31.70 -31.73
N LEU B 65 -7.24 -32.57 -31.36
CA LEU B 65 -8.62 -32.46 -31.84
C LEU B 65 -9.51 -31.64 -30.90
N GLU B 66 -9.29 -31.81 -29.62
CA GLU B 66 -10.05 -31.06 -28.61
C GLU B 66 -9.13 -30.66 -27.47
N PHE B 67 -9.26 -29.42 -26.99
CA PHE B 67 -8.45 -28.95 -25.90
C PHE B 67 -9.22 -27.90 -25.14
N ASP B 68 -9.30 -28.04 -23.81
CA ASP B 68 -9.94 -27.02 -23.00
C ASP B 68 -9.41 -27.05 -21.57
N PHE B 69 -9.62 -25.94 -20.88
CA PHE B 69 -9.34 -25.85 -19.44
C PHE B 69 -10.66 -25.48 -18.75
N ASN B 70 -11.26 -26.47 -18.09
CA ASN B 70 -12.54 -26.36 -17.39
C ASN B 70 -12.21 -25.89 -15.96
N ILE B 71 -12.37 -24.59 -15.79
CA ILE B 71 -11.97 -23.88 -14.58
C ILE B 71 -13.09 -24.05 -13.55
N GLU B 72 -12.73 -24.58 -12.37
CA GLU B 72 -13.67 -24.75 -11.23
C GLU B 72 -13.68 -23.53 -10.31
N HIS B 73 -12.51 -22.95 -10.07
CA HIS B 73 -12.40 -21.73 -9.25
C HIS B 73 -11.19 -20.92 -9.71
N MSE B 74 -11.31 -19.60 -9.66
CA MSE B 74 -10.26 -18.66 -10.04
CA MSE B 74 -10.18 -18.74 -9.92
C MSE B 74 -10.23 -17.52 -9.05
O MSE B 74 -11.29 -17.04 -8.66
CB MSE B 74 -10.53 -18.05 -11.44
CB MSE B 74 -10.10 -18.36 -11.42
CG MSE B 74 -9.52 -16.96 -11.92
CG MSE B 74 -11.39 -17.83 -11.99
SE MSE B 74 -9.61 -16.51 -13.86
SE MSE B 74 -11.15 -17.05 -13.78
CE MSE B 74 -10.65 -18.11 -14.25
CE MSE B 74 -9.59 -15.96 -13.47
N PHE B 75 -9.04 -17.06 -8.67
CA PHE B 75 -8.95 -15.93 -7.81
C PHE B 75 -7.64 -15.22 -8.08
N ASN B 76 -7.44 -14.04 -7.50
CA ASN B 76 -6.17 -13.35 -7.67
C ASN B 76 -5.81 -12.47 -6.49
N THR B 77 -4.51 -12.22 -6.34
CA THR B 77 -4.01 -11.12 -5.52
C THR B 77 -3.16 -10.29 -6.45
N GLY B 78 -3.55 -9.04 -6.67
CA GLY B 78 -2.95 -8.21 -7.69
C GLY B 78 -2.69 -8.93 -9.00
N PRO B 79 -1.44 -8.85 -9.50
CA PRO B 79 -1.18 -9.38 -10.85
C PRO B 79 -1.11 -10.91 -10.93
N LEU B 80 -1.18 -11.61 -9.79
CA LEU B 80 -1.10 -13.10 -9.80
C LEU B 80 -2.50 -13.70 -9.80
N VAL B 81 -2.80 -14.46 -10.84
CA VAL B 81 -4.11 -15.16 -10.94
C VAL B 81 -3.90 -16.64 -10.76
N VAL B 82 -4.73 -17.25 -9.92
CA VAL B 82 -4.68 -18.72 -9.67
C VAL B 82 -5.93 -19.34 -10.25
N MSE B 83 -5.76 -20.38 -11.04
CA MSE B 83 -6.92 -21.06 -11.64
C MSE B 83 -6.80 -22.54 -11.31
O MSE B 83 -5.79 -23.20 -11.59
CB MSE B 83 -6.93 -20.85 -13.16
CG MSE B 83 -7.24 -19.41 -13.55
SE MSE B 83 -6.76 -19.21 -15.38
CE MSE B 83 -5.02 -19.04 -14.93
N ILE B 84 -7.87 -23.06 -10.74
CA ILE B 84 -7.98 -24.46 -10.38
C ILE B 84 -8.96 -25.15 -11.28
N GLY B 85 -8.62 -26.30 -11.85
CA GLY B 85 -9.54 -27.00 -12.68
C GLY B 85 -9.02 -28.27 -13.30
N ASN B 86 -9.49 -28.52 -14.51
CA ASN B 86 -9.24 -29.76 -15.19
CA ASN B 86 -9.22 -29.76 -15.22
C ASN B 86 -8.96 -29.44 -16.68
N TYR B 87 -7.85 -29.98 -17.20
CA TYR B 87 -7.47 -29.87 -18.63
C TYR B 87 -7.90 -31.11 -19.39
N HIS B 88 -8.73 -30.87 -20.42
CA HIS B 88 -9.21 -31.94 -21.32
CA HIS B 88 -9.24 -31.91 -21.28
C HIS B 88 -8.51 -31.84 -22.65
N LEU B 89 -7.99 -32.98 -23.09
CA LEU B 89 -7.24 -33.07 -24.33
C LEU B 89 -7.55 -34.37 -25.03
N ARG B 90 -7.88 -34.26 -26.33
CA ARG B 90 -8.08 -35.38 -27.19
C ARG B 90 -7.21 -35.18 -28.42
N GLY B 91 -6.32 -36.11 -28.70
CA GLY B 91 -5.39 -35.87 -29.81
C GLY B 91 -4.43 -37.05 -29.99
N PRO B 92 -3.53 -36.94 -30.98
CA PRO B 92 -2.56 -38.00 -31.28
C PRO B 92 -1.72 -38.38 -30.05
N GLY B 93 -1.50 -39.69 -29.86
CA GLY B 93 -0.93 -40.21 -28.64
C GLY B 93 0.59 -40.45 -28.64
N GLU B 94 1.29 -40.03 -29.68
CA GLU B 94 2.73 -40.33 -29.80
C GLU B 94 3.55 -39.81 -28.61
N GLN B 95 3.35 -38.55 -28.25
CA GLN B 95 4.02 -37.94 -27.11
C GLN B 95 3.65 -38.55 -25.77
N PHE B 96 2.49 -39.22 -25.70
CA PHE B 96 1.97 -39.82 -24.48
C PHE B 96 2.24 -41.32 -24.45
N GLY B 97 3.13 -41.81 -25.32
CA GLY B 97 3.41 -43.23 -25.42
C GLY B 97 2.35 -44.14 -26.03
N LYS B 98 1.43 -43.55 -26.81
CA LYS B 98 0.39 -44.32 -27.52
C LYS B 98 0.47 -43.99 -29.02
N PRO B 99 1.54 -44.46 -29.69
CA PRO B 99 1.67 -44.07 -31.08
C PRO B 99 0.52 -44.63 -31.95
N GLY B 100 0.12 -43.85 -32.95
CA GLY B 100 -0.91 -44.29 -33.89
C GLY B 100 -2.33 -44.32 -33.35
N LYS B 101 -2.56 -43.71 -32.19
CA LYS B 101 -3.89 -43.71 -31.62
C LYS B 101 -4.24 -42.30 -31.18
N ILE B 102 -5.55 -42.07 -31.03
CA ILE B 102 -6.05 -40.84 -30.45
C ILE B 102 -6.32 -41.13 -28.98
N ILE B 103 -5.80 -40.26 -28.13
CA ILE B 103 -5.99 -40.40 -26.70
C ILE B 103 -6.93 -39.29 -26.26
N ASP B 104 -7.54 -39.53 -25.11
CA ASP B 104 -8.57 -38.64 -24.60
C ASP B 104 -8.43 -38.64 -23.08
N ILE B 105 -8.02 -37.51 -22.51
CA ILE B 105 -7.66 -37.41 -21.09
C ILE B 105 -8.29 -36.18 -20.46
N ALA B 106 -8.49 -36.26 -19.15
CA ALA B 106 -9.00 -35.14 -18.34
C ALA B 106 -8.19 -35.05 -17.02
N ILE B 107 -7.36 -34.02 -16.90
CA ILE B 107 -6.20 -33.97 -15.95
C ILE B 107 -6.46 -32.83 -14.98
N PRO B 108 -6.58 -33.13 -13.68
CA PRO B 108 -6.64 -32.02 -12.72
C PRO B 108 -5.37 -31.17 -12.81
N GLY B 109 -5.48 -29.86 -12.72
CA GLY B 109 -4.29 -29.03 -12.69
C GLY B 109 -4.56 -27.71 -12.03
N VAL B 110 -3.51 -27.04 -11.57
CA VAL B 110 -3.58 -25.64 -11.10
C VAL B 110 -2.60 -24.85 -11.97
N THR B 111 -3.05 -23.74 -12.55
CA THR B 111 -2.23 -22.89 -13.39
C THR B 111 -2.24 -21.53 -12.73
N THR B 112 -1.05 -20.97 -12.53
CA THR B 112 -0.96 -19.53 -12.21
C THR B 112 -0.42 -18.71 -13.40
N LEU B 113 -0.87 -17.47 -13.46
CA LEU B 113 -0.46 -16.55 -14.51
C LEU B 113 -0.20 -15.20 -13.82
N LYS B 114 0.96 -14.63 -14.03
CA LYS B 114 1.26 -13.31 -13.51
C LYS B 114 1.44 -12.37 -14.65
N PHE B 115 0.69 -11.25 -14.63
CA PHE B 115 0.71 -10.33 -15.72
C PHE B 115 1.35 -9.05 -15.26
N ASP B 116 2.04 -8.37 -16.18
CA ASP B 116 2.64 -7.04 -15.91
C ASP B 116 1.57 -5.99 -15.90
N PRO B 117 1.39 -5.28 -14.77
CA PRO B 117 0.33 -4.27 -14.74
C PRO B 117 0.50 -3.13 -15.74
N ASN B 118 1.73 -2.84 -16.18
CA ASN B 118 1.91 -1.71 -17.11
C ASN B 118 1.55 -2.06 -18.55
N THR B 119 1.79 -3.31 -18.95
CA THR B 119 1.71 -3.70 -20.36
C THR B 119 0.65 -4.75 -20.66
N GLN B 120 0.22 -5.49 -19.63
CA GLN B 120 -0.78 -6.57 -19.69
C GLN B 120 -0.23 -7.83 -20.30
N ARG B 121 1.08 -7.92 -20.43
CA ARG B 121 1.76 -9.12 -20.95
C ARG B 121 2.02 -10.10 -19.82
N LEU B 122 2.04 -11.39 -20.16
CA LEU B 122 2.41 -12.44 -19.26
C LEU B 122 3.90 -12.40 -18.83
N THR B 123 4.16 -12.32 -17.53
CA THR B 123 5.51 -12.43 -16.96
CA THR B 123 5.52 -12.44 -17.02
C THR B 123 5.86 -13.91 -16.76
N GLU B 124 4.95 -14.67 -16.10
CA GLU B 124 5.15 -16.15 -15.88
C GLU B 124 3.87 -16.93 -15.81
N GLN B 125 3.85 -18.11 -16.44
CA GLN B 125 2.85 -19.12 -16.24
C GLN B 125 3.49 -20.25 -15.53
N VAL B 126 2.83 -20.77 -14.48
CA VAL B 126 3.33 -21.96 -13.82
C VAL B 126 2.24 -23.02 -13.85
N ASP B 127 2.56 -24.23 -14.30
CA ASP B 127 1.62 -25.32 -14.27
C ASP B 127 1.99 -26.36 -13.23
N LEU B 128 0.94 -26.85 -12.57
CA LEU B 128 1.00 -28.02 -11.71
C LEU B 128 -0.03 -29.02 -12.20
N MSE B 129 0.42 -30.10 -12.82
CA MSE B 129 -0.48 -30.99 -13.52
C MSE B 129 -0.41 -32.35 -12.85
O MSE B 129 0.69 -32.84 -12.52
CB MSE B 129 -0.08 -31.18 -15.00
CG MSE B 129 -0.04 -29.96 -15.84
SE MSE B 129 -1.89 -29.39 -16.19
CE MSE B 129 -1.73 -27.67 -15.41
N ASP B 130 -1.57 -32.98 -12.68
CA ASP B 130 -1.66 -34.32 -12.12
C ASP B 130 -1.38 -35.43 -13.21
N TYR B 131 -0.10 -35.72 -13.41
CA TYR B 131 0.37 -36.62 -14.45
C TYR B 131 0.11 -38.06 -14.10
N GLN B 132 0.04 -38.42 -12.82
CA GLN B 132 -0.30 -39.79 -12.45
C GLN B 132 -1.72 -40.12 -12.89
N THR B 133 -2.66 -39.20 -12.69
CA THR B 133 -4.03 -39.40 -13.13
C THR B 133 -4.08 -39.57 -14.66
N MSE B 134 -3.31 -38.76 -15.38
CA MSE B 134 -3.14 -38.94 -16.82
C MSE B 134 -2.71 -40.38 -17.12
O MSE B 134 -3.33 -41.06 -17.95
CB MSE B 134 -2.13 -37.98 -17.42
CG MSE B 134 -2.00 -38.15 -18.95
SE MSE B 134 -0.69 -36.84 -19.58
CE MSE B 134 0.80 -37.95 -19.40
N SER B 135 -1.65 -40.83 -16.44
CA SER B 135 -1.11 -42.16 -16.71
C SER B 135 -2.16 -43.25 -16.40
N ASP B 136 -2.92 -43.08 -15.32
CA ASP B 136 -3.98 -44.02 -15.00
C ASP B 136 -5.09 -44.04 -16.08
N GLN B 137 -5.42 -42.87 -16.62
CA GLN B 137 -6.38 -42.81 -17.73
C GLN B 137 -5.85 -43.44 -19.03
N LEU B 138 -4.56 -43.33 -19.28
CA LEU B 138 -3.97 -43.86 -20.50
C LEU B 138 -3.86 -45.39 -20.48
N GLN B 139 -3.87 -46.01 -19.30
CA GLN B 139 -3.86 -47.48 -19.18
C GLN B 139 -4.89 -48.17 -20.07
N SER B 140 -6.10 -47.62 -20.11
CA SER B 140 -7.22 -48.19 -20.88
C SER B 140 -7.30 -47.70 -22.32
N GLN B 141 -6.23 -47.06 -22.82
CA GLN B 141 -6.22 -46.52 -24.18
C GLN B 141 -5.09 -47.07 -25.06
N ARG C 6 -16.05 36.89 4.62
CA ARG C 6 -14.61 36.56 4.79
C ARG C 6 -13.75 37.70 4.28
N PRO C 7 -12.54 37.88 4.87
CA PRO C 7 -11.71 39.00 4.40
C PRO C 7 -11.33 38.78 2.95
N ILE C 8 -10.97 39.86 2.25
CA ILE C 8 -10.80 39.80 0.80
C ILE C 8 -9.65 38.88 0.37
N GLU C 9 -8.65 38.72 1.25
CA GLU C 9 -7.56 37.82 0.97
C GLU C 9 -8.03 36.36 0.96
N GLN C 10 -9.02 36.03 1.79
CA GLN C 10 -9.51 34.65 1.80
C GLN C 10 -10.45 34.35 0.61
N GLN C 11 -11.19 35.35 0.19
CA GLN C 11 -12.04 35.26 -1.01
C GLN C 11 -11.17 35.02 -2.25
N LEU C 12 -10.02 35.70 -2.32
CA LEU C 12 -9.03 35.49 -3.39
CA LEU C 12 -9.05 35.50 -3.40
C LEU C 12 -8.56 34.05 -3.38
N ALA C 13 -8.30 33.51 -2.19
CA ALA C 13 -7.76 32.14 -2.11
C ALA C 13 -8.81 31.13 -2.51
N LEU C 14 -10.04 31.31 -2.05
CA LEU C 14 -11.13 30.40 -2.47
C LEU C 14 -11.40 30.45 -3.98
N GLY C 15 -11.28 31.63 -4.58
CA GLY C 15 -11.44 31.79 -6.04
C GLY C 15 -10.39 30.98 -6.80
N TYR C 16 -9.14 31.05 -6.31
CA TYR C 16 -8.04 30.31 -6.84
C TYR C 16 -8.25 28.83 -6.69
N ILE C 17 -8.64 28.42 -5.49
CA ILE C 17 -8.85 26.97 -5.26
C ILE C 17 -10.03 26.42 -6.11
N LYS C 18 -11.06 27.24 -6.30
CA LYS C 18 -12.20 26.83 -7.14
C LYS C 18 -11.73 26.57 -8.57
N ALA C 19 -10.97 27.52 -9.13
CA ALA C 19 -10.43 27.40 -10.50
C ALA C 19 -9.57 26.15 -10.58
N LEU C 20 -8.70 25.94 -9.60
CA LEU C 20 -7.75 24.80 -9.66
C LEU C 20 -8.50 23.47 -9.60
N THR C 21 -9.44 23.35 -8.66
CA THR C 21 -10.09 22.06 -8.42
C THR C 21 -11.16 21.80 -9.51
N GLU C 22 -11.57 22.87 -10.22
CA GLU C 22 -12.53 22.73 -11.33
C GLU C 22 -11.80 22.53 -12.65
N HIS C 23 -10.47 22.45 -12.58
CA HIS C 23 -9.64 22.30 -13.78
C HIS C 23 -9.95 23.40 -14.81
N ASP C 24 -10.18 24.59 -14.28
CA ASP C 24 -10.51 25.75 -15.09
C ASP C 24 -9.21 26.55 -15.36
N TYR C 25 -8.53 26.29 -16.47
CA TYR C 25 -7.20 26.91 -16.68
C TYR C 25 -7.24 28.34 -17.22
N GLN C 26 -8.39 28.74 -17.80
CA GLN C 26 -8.57 30.13 -18.25
C GLN C 26 -8.62 30.99 -17.01
N THR C 27 -9.52 30.64 -16.08
CA THR C 27 -9.62 31.40 -14.81
C THR C 27 -8.35 31.29 -13.99
N LEU C 28 -7.77 30.10 -13.90
CA LEU C 28 -6.57 29.94 -13.05
C LEU C 28 -5.38 30.79 -13.54
N SER C 29 -5.21 30.88 -14.86
CA SER C 29 -4.11 31.62 -15.42
C SER C 29 -4.19 33.07 -15.04
N LYS C 30 -5.39 33.62 -14.79
CA LYS C 30 -5.47 35.02 -14.34
C LYS C 30 -4.76 35.26 -12.98
N TYR C 31 -4.52 34.18 -12.22
CA TYR C 31 -3.86 34.31 -10.91
C TYR C 31 -2.35 34.18 -11.00
N TYR C 32 -1.82 33.75 -12.14
CA TYR C 32 -0.38 33.54 -12.27
C TYR C 32 0.31 34.63 -13.07
N ASN C 33 1.59 34.85 -12.77
CA ASN C 33 2.49 35.57 -13.65
C ASN C 33 3.70 34.68 -13.94
N ARG C 34 4.69 35.21 -14.65
CA ARG C 34 5.85 34.40 -15.07
CA ARG C 34 5.91 34.46 -15.07
C ARG C 34 6.74 33.93 -13.91
N ASP C 35 6.58 34.52 -12.74
CA ASP C 35 7.40 34.22 -11.58
C ASP C 35 6.67 33.48 -10.47
N SER C 36 5.37 33.19 -10.65
CA SER C 36 4.61 32.43 -9.66
C SER C 36 5.28 31.08 -9.39
N VAL C 37 5.35 30.73 -8.12
CA VAL C 37 5.93 29.48 -7.68
C VAL C 37 4.86 28.56 -7.07
N PHE C 38 4.78 27.32 -7.58
CA PHE C 38 3.92 26.26 -7.05
C PHE C 38 4.87 25.23 -6.50
N TYR C 39 4.91 25.12 -5.16
CA TYR C 39 5.91 24.39 -4.43
C TYR C 39 5.28 23.33 -3.55
N ASP C 40 5.54 22.07 -3.85
CA ASP C 40 5.12 20.96 -2.99
C ASP C 40 6.35 20.61 -2.14
N LYS C 41 6.34 21.06 -0.88
CA LYS C 41 7.52 20.98 -0.03
C LYS C 41 7.74 19.56 0.38
N THR C 42 6.65 18.85 0.61
CA THR C 42 6.69 17.44 0.94
C THR C 42 7.30 16.58 -0.18
N ALA C 43 7.02 16.89 -1.46
CA ALA C 43 7.60 16.16 -2.62
C ALA C 43 8.90 16.77 -3.13
N ASP C 44 9.25 17.96 -2.66
CA ASP C 44 10.37 18.76 -3.18
C ASP C 44 10.27 18.89 -4.70
N THR C 45 9.10 19.31 -5.16
CA THR C 45 8.92 19.69 -6.56
C THR C 45 8.47 21.15 -6.67
N LYS C 46 8.89 21.80 -7.73
CA LYS C 46 8.53 23.20 -7.93
C LYS C 46 8.24 23.50 -9.40
N TYR C 47 7.08 24.12 -9.66
CA TYR C 47 6.73 24.60 -10.99
C TYR C 47 6.61 26.13 -10.94
N ILE C 48 7.13 26.77 -11.97
CA ILE C 48 7.35 28.21 -11.94
C ILE C 48 6.79 28.89 -13.18
N GLY C 49 5.81 29.75 -12.98
CA GLY C 49 5.30 30.62 -14.04
C GLY C 49 4.03 30.05 -14.65
N THR C 50 3.21 30.90 -15.24
CA THR C 50 1.92 30.49 -15.86
C THR C 50 2.03 29.24 -16.72
N ARG C 51 2.90 29.28 -17.72
CA ARG C 51 2.95 28.19 -18.68
C ARG C 51 3.41 26.85 -18.10
N SER C 52 4.41 26.86 -17.23
CA SER C 52 4.90 25.62 -16.65
CA SER C 52 4.89 25.62 -16.62
C SER C 52 3.92 24.99 -15.65
N ILE C 53 3.22 25.86 -14.88
CA ILE C 53 2.27 25.38 -13.83
C ILE C 53 1.03 24.81 -14.51
N ILE C 54 0.45 25.56 -15.44
CA ILE C 54 -0.73 25.09 -16.21
C ILE C 54 -0.41 23.82 -17.00
N ALA C 55 0.76 23.75 -17.64
CA ALA C 55 1.13 22.52 -18.37
C ALA C 55 1.22 21.31 -17.40
N PHE C 56 1.85 21.52 -16.23
CA PHE C 56 1.90 20.51 -15.17
C PHE C 56 0.53 20.06 -14.70
N LEU C 57 -0.39 21.00 -14.48
CA LEU C 57 -1.73 20.65 -14.07
C LEU C 57 -2.49 19.88 -15.18
N GLN C 58 -2.27 20.23 -16.46
CA GLN C 58 -2.92 19.52 -17.57
C GLN C 58 -2.51 18.06 -17.65
N ARG C 59 -1.22 17.80 -17.54
CA ARG C 59 -0.66 16.43 -17.57
C ARG C 59 -1.17 15.62 -16.36
N SER C 60 -1.14 16.25 -15.19
CA SER C 60 -1.45 15.60 -13.92
C SER C 60 -2.92 15.25 -13.81
N HIS C 61 -3.79 16.17 -14.21
CA HIS C 61 -5.22 16.00 -13.97
C HIS C 61 -5.98 15.51 -15.20
N GLU C 62 -5.26 15.06 -16.24
CA GLU C 62 -5.92 14.55 -17.44
C GLU C 62 -6.76 13.34 -17.07
N GLY C 63 -8.04 13.38 -17.47
CA GLY C 63 -8.97 12.29 -17.23
C GLY C 63 -9.53 12.18 -15.81
N VAL C 64 -9.16 13.10 -14.92
CA VAL C 64 -9.61 13.07 -13.52
C VAL C 64 -11.14 13.25 -13.49
N LEU C 65 -11.80 12.45 -12.66
CA LEU C 65 -13.26 12.43 -12.61
C LEU C 65 -13.73 13.34 -11.50
N GLU C 66 -13.07 13.28 -10.34
CA GLU C 66 -13.37 14.15 -9.20
C GLU C 66 -12.08 14.70 -8.57
N PHE C 67 -12.09 16.00 -8.21
CA PHE C 67 -10.97 16.65 -7.53
C PHE C 67 -11.55 17.78 -6.67
N ASP C 68 -11.37 17.68 -5.35
CA ASP C 68 -11.85 18.74 -4.44
C ASP C 68 -10.88 18.92 -3.26
N PHE C 69 -10.80 20.14 -2.76
CA PHE C 69 -10.05 20.40 -1.56
C PHE C 69 -11.13 20.71 -0.52
N ASN C 70 -11.30 19.76 0.37
CA ASN C 70 -12.28 19.81 1.44
C ASN C 70 -11.64 20.54 2.63
N ILE C 71 -12.03 21.80 2.83
CA ILE C 71 -11.35 22.70 3.78
C ILE C 71 -12.03 22.66 5.19
N GLU C 72 -11.26 22.20 6.16
CA GLU C 72 -11.68 22.13 7.57
C GLU C 72 -11.60 23.53 8.24
N HIS C 73 -10.50 24.25 8.01
CA HIS C 73 -10.29 25.58 8.58
C HIS C 73 -9.38 26.37 7.63
N MSE C 74 -9.63 27.68 7.57
CA MSE C 74 -8.73 28.55 6.86
CA MSE C 74 -8.84 28.63 6.76
C MSE C 74 -8.61 29.88 7.59
O MSE C 74 -9.55 30.32 8.32
CB MSE C 74 -9.19 28.77 5.43
CB MSE C 74 -9.55 28.98 5.43
CG MSE C 74 -10.45 29.57 5.32
CG MSE C 74 -8.96 30.20 4.63
SE MSE C 74 -10.99 29.51 3.50
SE MSE C 74 -9.73 30.49 2.86
CE MSE C 74 -9.27 29.65 2.61
CE MSE C 74 -11.55 30.49 3.57
N PHE C 75 -7.44 30.46 7.45
CA PHE C 75 -7.14 31.75 8.05
C PHE C 75 -6.08 32.50 7.28
N ASN C 76 -5.86 33.77 7.62
CA ASN C 76 -4.85 34.57 6.95
C ASN C 76 -4.20 35.61 7.88
N THR C 77 -2.95 35.92 7.58
CA THR C 77 -2.33 37.16 8.02
C THR C 77 -1.92 37.93 6.77
N GLY C 78 -2.53 39.10 6.59
CA GLY C 78 -2.43 39.81 5.34
C GLY C 78 -2.65 38.88 4.16
N PRO C 79 -1.83 39.03 3.11
CA PRO C 79 -2.00 38.26 1.89
C PRO C 79 -1.57 36.78 1.99
N LEU C 80 -1.10 36.34 3.14
CA LEU C 80 -0.76 34.93 3.36
C LEU C 80 -1.99 34.19 3.89
N VAL C 81 -2.44 33.21 3.13
CA VAL C 81 -3.65 32.48 3.46
C VAL C 81 -3.28 30.99 3.69
N VAL C 82 -3.76 30.44 4.80
CA VAL C 82 -3.47 29.05 5.21
C VAL C 82 -4.77 28.23 5.21
N MSE C 83 -4.73 27.05 4.57
CA MSE C 83 -5.88 26.18 4.43
C MSE C 83 -5.53 24.77 4.85
O MSE C 83 -4.59 24.20 4.33
CB MSE C 83 -6.34 26.20 2.98
CG MSE C 83 -7.00 27.50 2.63
SE MSE C 83 -7.17 27.76 0.70
CE MSE C 83 -5.34 27.87 0.36
N ILE C 84 -6.26 24.26 5.82
CA ILE C 84 -6.12 22.89 6.38
C ILE C 84 -7.31 22.01 5.96
N GLY C 85 -7.06 20.83 5.43
CA GLY C 85 -8.13 19.94 5.07
C GLY C 85 -7.62 18.69 4.39
N ASN C 86 -8.39 18.20 3.43
CA ASN C 86 -7.96 17.05 2.67
C ASN C 86 -8.39 17.16 1.21
N TYR C 87 -7.58 16.59 0.34
CA TYR C 87 -7.87 16.62 -1.05
C TYR C 87 -8.43 15.24 -1.45
N HIS C 88 -9.60 15.22 -2.07
CA HIS C 88 -10.08 13.94 -2.62
CA HIS C 88 -10.24 13.99 -2.61
C HIS C 88 -9.94 13.98 -4.13
N LEU C 89 -9.49 12.86 -4.68
CA LEU C 89 -9.26 12.69 -6.10
C LEU C 89 -9.78 11.31 -6.54
N ARG C 90 -10.58 11.32 -7.59
CA ARG C 90 -11.02 10.10 -8.24
C ARG C 90 -10.65 10.15 -9.69
N GLY C 91 -9.97 9.12 -10.15
CA GLY C 91 -9.58 9.07 -11.55
C GLY C 91 -8.76 7.87 -11.96
N PRO C 92 -8.37 7.83 -13.24
CA PRO C 92 -7.54 6.70 -13.69
C PRO C 92 -6.21 6.69 -12.93
N GLY C 93 -5.69 5.50 -12.66
CA GLY C 93 -4.57 5.32 -11.73
C GLY C 93 -3.17 5.37 -12.28
N GLU C 94 -3.02 5.54 -13.59
CA GLU C 94 -1.71 5.44 -14.25
C GLU C 94 -0.67 6.36 -13.59
N GLN C 95 -0.98 7.64 -13.52
CA GLN C 95 -0.10 8.60 -12.85
C GLN C 95 0.22 8.23 -11.38
N PHE C 96 -0.61 7.40 -10.74
CA PHE C 96 -0.40 7.01 -9.33
C PHE C 96 0.16 5.62 -9.15
N GLY C 97 0.66 5.05 -10.23
CA GLY C 97 1.27 3.74 -10.20
C GLY C 97 0.25 2.63 -10.19
N LYS C 98 -0.97 2.92 -10.64
CA LYS C 98 -2.07 1.95 -10.66
C LYS C 98 -2.69 1.94 -12.05
N PRO C 99 -1.93 1.42 -13.03
CA PRO C 99 -2.43 1.35 -14.39
C PRO C 99 -3.66 0.46 -14.50
N GLY C 100 -4.61 0.87 -15.34
CA GLY C 100 -5.80 0.07 -15.61
C GLY C 100 -6.92 0.16 -14.59
N LYS C 101 -6.72 0.93 -13.52
CA LYS C 101 -7.69 1.02 -12.42
C LYS C 101 -8.20 2.46 -12.31
N ILE C 102 -9.41 2.62 -11.79
CA ILE C 102 -9.85 3.92 -11.32
C ILE C 102 -9.53 3.95 -9.83
N ILE C 103 -8.73 4.94 -9.37
CA ILE C 103 -8.38 5.09 -7.96
C ILE C 103 -9.23 6.18 -7.30
N ASP C 104 -9.29 6.13 -5.98
CA ASP C 104 -10.06 7.07 -5.16
C ASP C 104 -9.28 7.26 -3.85
N ILE C 105 -8.86 8.49 -3.57
CA ILE C 105 -7.97 8.75 -2.44
C ILE C 105 -8.37 10.04 -1.75
N ALA C 106 -8.03 10.12 -0.46
CA ALA C 106 -8.35 11.27 0.40
C ALA C 106 -7.09 11.56 1.20
N ILE C 107 -6.42 12.64 0.79
CA ILE C 107 -5.07 13.01 1.27
CA ILE C 107 -5.10 12.99 1.31
C ILE C 107 -5.13 14.23 2.19
N PRO C 108 -4.80 14.05 3.47
CA PRO C 108 -4.68 15.23 4.32
C PRO C 108 -3.61 16.19 3.78
N GLY C 109 -3.86 17.49 3.86
CA GLY C 109 -2.92 18.45 3.41
C GLY C 109 -3.08 19.83 4.00
N VAL C 110 -1.98 20.56 3.99
CA VAL C 110 -1.99 22.02 4.33
C VAL C 110 -1.45 22.76 3.12
N THR C 111 -2.23 23.73 2.64
CA THR C 111 -1.86 24.55 1.52
C THR C 111 -1.81 26.01 1.96
N THR C 112 -0.69 26.69 1.67
CA THR C 112 -0.61 28.16 1.80
C THR C 112 -0.59 28.85 0.44
N LEU C 113 -1.20 30.03 0.36
CA LEU C 113 -1.23 30.81 -0.84
C LEU C 113 -0.85 32.21 -0.41
N LYS C 114 0.17 32.77 -1.04
CA LYS C 114 0.58 34.15 -0.78
C LYS C 114 0.37 34.94 -2.05
N PHE C 115 -0.46 36.00 -1.98
CA PHE C 115 -0.77 36.85 -3.11
C PHE C 115 -0.05 38.19 -3.01
N ASP C 116 0.24 38.80 -4.16
CA ASP C 116 0.71 40.18 -4.20
C ASP C 116 -0.57 40.99 -4.03
N PRO C 117 -0.66 41.79 -2.95
CA PRO C 117 -1.90 42.53 -2.72
C PRO C 117 -2.22 43.57 -3.82
N ASN C 118 -1.19 44.16 -4.44
CA ASN C 118 -1.36 45.12 -5.54
C ASN C 118 -1.84 44.52 -6.87
N THR C 119 -1.38 43.32 -7.22
CA THR C 119 -1.73 42.69 -8.49
C THR C 119 -2.79 41.59 -8.34
N GLN C 120 -3.01 41.16 -7.11
CA GLN C 120 -3.82 39.99 -6.78
C GLN C 120 -3.39 38.74 -7.56
N ARG C 121 -2.11 38.67 -7.93
CA ARG C 121 -1.56 37.43 -8.49
C ARG C 121 -0.76 36.67 -7.45
N LEU C 122 -0.59 35.37 -7.66
CA LEU C 122 0.06 34.48 -6.74
C LEU C 122 1.57 34.59 -6.81
N THR C 123 2.19 34.84 -5.66
CA THR C 123 3.66 34.87 -5.54
C THR C 123 4.15 33.40 -5.32
N GLU C 124 3.56 32.76 -4.34
CA GLU C 124 3.88 31.34 -4.04
C GLU C 124 2.70 30.58 -3.43
N GLN C 125 2.50 29.37 -3.92
CA GLN C 125 1.68 28.35 -3.26
C GLN C 125 2.62 27.34 -2.65
N VAL C 126 2.43 26.99 -1.36
CA VAL C 126 3.16 25.88 -0.75
C VAL C 126 2.21 24.77 -0.33
N ASP C 127 2.50 23.53 -0.75
CA ASP C 127 1.69 22.37 -0.36
C ASP C 127 2.50 21.50 0.57
N LEU C 128 1.85 21.03 1.64
CA LEU C 128 2.36 19.98 2.54
C LEU C 128 1.33 18.82 2.49
N MSE C 129 1.66 17.71 1.86
CA MSE C 129 0.67 16.65 1.60
C MSE C 129 1.09 15.40 2.33
O MSE C 129 2.28 15.09 2.39
CB MSE C 129 0.60 16.33 0.10
CG MSE C 129 0.29 17.54 -0.76
SE MSE C 129 -1.61 17.95 -0.59
CE MSE C 129 -2.26 16.22 -0.95
N ASP C 130 0.12 14.70 2.90
CA ASP C 130 0.37 13.42 3.59
C ASP C 130 0.45 12.22 2.61
N TYR C 131 1.59 12.11 1.95
CA TYR C 131 1.84 11.08 0.94
C TYR C 131 1.89 9.69 1.50
N GLN C 132 2.26 9.52 2.77
CA GLN C 132 2.14 8.17 3.39
C GLN C 132 0.67 7.65 3.45
N THR C 133 -0.25 8.52 3.84
CA THR C 133 -1.68 8.17 3.86
C THR C 133 -2.12 7.81 2.43
N MSE C 134 -1.65 8.56 1.44
CA MSE C 134 -1.94 8.24 0.03
C MSE C 134 -1.40 6.88 -0.35
O MSE C 134 -2.15 6.05 -0.87
CB MSE C 134 -1.36 9.29 -0.90
CG MSE C 134 -1.78 9.09 -2.34
SE MSE C 134 -0.98 10.38 -3.53
CE MSE C 134 0.58 9.45 -3.93
N SER C 135 -0.12 6.63 -0.08
CA SER C 135 0.45 5.29 -0.34
C SER C 135 -0.31 4.14 0.32
N ASP C 136 -0.72 4.34 1.57
CA ASP C 136 -1.48 3.36 2.33
C ASP C 136 -2.84 3.05 1.68
N GLN C 137 -3.53 4.09 1.22
CA GLN C 137 -4.85 3.93 0.57
C GLN C 137 -4.73 3.17 -0.76
N LEU C 138 -3.69 3.49 -1.52
CA LEU C 138 -3.45 2.91 -2.83
C LEU C 138 -3.04 1.45 -2.74
N GLN C 139 -2.40 1.05 -1.63
CA GLN C 139 -2.04 -0.35 -1.40
C GLN C 139 -3.18 -1.33 -1.67
N SER C 140 -4.37 -1.01 -1.18
CA SER C 140 -5.60 -1.82 -1.39
C SER C 140 -6.08 -1.85 -2.85
N GLN C 141 -5.72 -0.82 -3.61
CA GLN C 141 -6.33 -0.55 -4.92
C GLN C 141 -5.56 -1.13 -6.12
N ASP D 5 4.22 3.43 17.47
CA ASP D 5 5.04 2.71 16.44
C ASP D 5 5.28 3.62 15.25
N ARG D 6 5.46 4.89 15.58
CA ARG D 6 5.61 5.92 14.57
C ARG D 6 7.06 5.98 14.17
N PRO D 7 7.33 6.53 12.99
CA PRO D 7 8.74 6.56 12.60
C PRO D 7 9.52 7.51 13.47
N ILE D 8 10.83 7.32 13.51
CA ILE D 8 11.70 8.08 14.41
C ILE D 8 11.54 9.58 14.27
N GLU D 9 11.33 10.08 13.07
CA GLU D 9 11.21 11.50 12.85
C GLU D 9 9.97 12.06 13.58
N GLN D 10 8.87 11.29 13.58
CA GLN D 10 7.68 11.69 14.34
C GLN D 10 7.91 11.56 15.85
N GLN D 11 8.62 10.51 16.27
CA GLN D 11 9.05 10.37 17.68
CA GLN D 11 9.03 10.38 17.68
C GLN D 11 9.87 11.60 18.10
N LEU D 12 10.80 12.03 17.27
CA LEU D 12 11.56 13.24 17.59
C LEU D 12 10.70 14.46 17.69
N ALA D 13 9.74 14.58 16.79
CA ALA D 13 8.84 15.72 16.82
C ALA D 13 8.04 15.79 18.14
N LEU D 14 7.55 14.66 18.58
CA LEU D 14 6.82 14.61 19.85
C LEU D 14 7.70 14.91 21.07
N GLY D 15 8.95 14.41 21.09
CA GLY D 15 9.94 14.76 22.16
C GLY D 15 10.18 16.28 22.23
N TYR D 16 10.41 16.90 21.08
CA TYR D 16 10.58 18.34 20.98
C TYR D 16 9.36 19.12 21.46
N ILE D 17 8.16 18.74 21.00
CA ILE D 17 6.94 19.42 21.40
C ILE D 17 6.69 19.24 22.91
N LYS D 18 6.94 18.05 23.42
CA LYS D 18 6.83 17.77 24.87
C LYS D 18 7.70 18.75 25.66
N ALA D 19 8.98 18.85 25.27
CA ALA D 19 9.90 19.70 25.99
C ALA D 19 9.50 21.20 25.84
N LEU D 20 9.10 21.60 24.64
CA LEU D 20 8.76 23.01 24.36
C LEU D 20 7.55 23.45 25.23
N THR D 21 6.55 22.58 25.26
CA THR D 21 5.27 22.90 25.94
C THR D 21 5.33 22.76 27.48
N GLU D 22 6.25 21.95 27.98
CA GLU D 22 6.49 21.83 29.40
C GLU D 22 7.45 22.95 29.90
N HIS D 23 7.93 23.78 28.97
CA HIS D 23 9.00 24.73 29.23
C HIS D 23 10.25 24.12 29.85
N ASP D 24 10.63 22.93 29.38
CA ASP D 24 11.80 22.24 29.86
C ASP D 24 12.98 22.60 28.94
N TYR D 25 13.62 23.74 29.25
CA TYR D 25 14.64 24.32 28.38
C TYR D 25 15.93 23.44 28.31
N GLN D 26 16.24 22.72 29.40
CA GLN D 26 17.39 21.78 29.39
C GLN D 26 17.17 20.67 28.34
N THR D 27 15.98 20.04 28.35
CA THR D 27 15.64 19.00 27.40
C THR D 27 15.53 19.57 25.97
N LEU D 28 14.91 20.73 25.83
CA LEU D 28 14.67 21.32 24.52
C LEU D 28 15.95 21.74 23.90
N SER D 29 16.87 22.31 24.68
CA SER D 29 18.12 22.81 24.17
CA SER D 29 18.09 22.82 24.11
C SER D 29 18.91 21.72 23.46
N LYS D 30 18.71 20.46 23.85
CA LYS D 30 19.43 19.34 23.21
C LYS D 30 19.12 19.25 21.71
N TYR D 31 17.96 19.80 21.29
CA TYR D 31 17.56 19.80 19.87
C TYR D 31 18.22 20.89 19.04
N TYR D 32 18.83 21.89 19.68
CA TYR D 32 19.32 23.06 18.99
C TYR D 32 20.85 23.08 18.86
N ASN D 33 21.30 23.74 17.79
CA ASN D 33 22.67 24.09 17.65
C ASN D 33 22.83 25.53 17.17
N ARG D 34 24.06 25.95 16.84
CA ARG D 34 24.34 27.31 16.35
C ARG D 34 23.43 27.76 15.18
N ASP D 35 23.08 26.82 14.32
CA ASP D 35 22.42 27.11 13.02
C ASP D 35 20.89 26.83 13.02
N SER D 36 20.32 26.32 14.13
CA SER D 36 18.90 26.01 14.17
C SER D 36 18.03 27.28 13.93
N VAL D 37 16.93 27.07 13.22
CA VAL D 37 16.03 28.14 12.87
C VAL D 37 14.63 27.93 13.40
N PHE D 38 14.12 28.96 14.03
CA PHE D 38 12.70 29.09 14.38
C PHE D 38 12.09 30.26 13.61
N TYR D 39 11.07 29.96 12.80
CA TYR D 39 10.51 30.93 11.89
C TYR D 39 9.01 30.93 12.06
N ASP D 40 8.42 32.04 12.55
CA ASP D 40 6.96 32.17 12.59
C ASP D 40 6.59 32.98 11.37
N LYS D 41 6.18 32.24 10.34
CA LYS D 41 5.86 32.80 9.04
C LYS D 41 4.68 33.75 9.17
N THR D 42 3.70 33.39 9.99
CA THR D 42 2.54 34.24 10.27
C THR D 42 2.86 35.53 11.07
N ALA D 43 3.96 35.55 11.81
CA ALA D 43 4.35 36.72 12.63
C ALA D 43 5.51 37.53 12.05
N ASP D 44 6.08 37.05 10.94
CA ASP D 44 7.23 37.67 10.30
C ASP D 44 8.41 37.83 11.31
N THR D 45 8.63 36.80 12.11
CA THR D 45 9.77 36.70 13.05
C THR D 45 10.61 35.45 12.84
N LYS D 46 11.92 35.54 13.09
CA LYS D 46 12.83 34.44 12.91
C LYS D 46 13.97 34.56 13.94
N TYR D 47 14.27 33.45 14.62
CA TYR D 47 15.31 33.37 15.65
CA TYR D 47 15.34 33.39 15.63
C TYR D 47 16.29 32.28 15.24
N ILE D 48 17.59 32.57 15.33
CA ILE D 48 18.56 31.59 14.88
C ILE D 48 19.55 31.22 15.97
N GLY D 49 19.75 29.91 16.21
CA GLY D 49 20.70 29.43 17.18
C GLY D 49 20.11 29.23 18.56
N THR D 50 20.61 28.19 19.24
CA THR D 50 20.26 27.94 20.66
C THR D 50 20.07 29.17 21.54
N ARG D 51 21.10 30.00 21.63
CA ARG D 51 21.09 31.17 22.57
C ARG D 51 19.85 32.03 22.29
N SER D 52 19.70 32.39 21.03
CA SER D 52 18.65 33.31 20.61
CA SER D 52 18.63 33.31 20.60
C SER D 52 17.23 32.70 20.72
N ILE D 53 17.11 31.43 20.41
CA ILE D 53 15.80 30.70 20.41
C ILE D 53 15.35 30.48 21.86
N ILE D 54 16.24 30.00 22.71
CA ILE D 54 15.90 29.80 24.12
C ILE D 54 15.58 31.15 24.80
N ALA D 55 16.37 32.17 24.51
CA ALA D 55 16.13 33.49 25.09
C ALA D 55 14.68 33.94 24.80
N PHE D 56 14.30 33.78 23.53
CA PHE D 56 12.99 34.20 23.06
C PHE D 56 11.88 33.43 23.74
N LEU D 57 12.03 32.11 23.81
CA LEU D 57 11.05 31.26 24.46
C LEU D 57 10.92 31.63 25.94
N GLN D 58 12.05 31.81 26.62
CA GLN D 58 12.03 32.20 28.03
C GLN D 58 11.26 33.51 28.26
N ARG D 59 11.54 34.54 27.46
CA ARG D 59 10.86 35.84 27.59
C ARG D 59 9.37 35.65 27.39
N SER D 60 9.04 35.05 26.24
CA SER D 60 7.68 34.85 25.75
C SER D 60 6.79 34.14 26.74
N HIS D 61 7.30 33.06 27.29
CA HIS D 61 6.52 32.17 28.14
C HIS D 61 6.74 32.38 29.64
N GLU D 62 7.36 33.50 30.02
CA GLU D 62 7.55 33.87 31.43
C GLU D 62 6.20 33.92 32.12
N GLY D 63 6.06 33.20 33.23
CA GLY D 63 4.83 33.18 34.00
C GLY D 63 3.64 32.44 33.39
N VAL D 64 3.83 31.76 32.25
CA VAL D 64 2.71 31.04 31.64
C VAL D 64 2.24 29.95 32.61
N LEU D 65 0.93 29.75 32.69
CA LEU D 65 0.32 28.83 33.67
C LEU D 65 0.01 27.47 33.06
N GLU D 66 -0.45 27.49 31.81
CA GLU D 66 -0.79 26.28 31.07
C GLU D 66 -0.37 26.49 29.62
N PHE D 67 0.18 25.44 29.00
CA PHE D 67 0.59 25.48 27.62
C PHE D 67 0.54 24.08 27.11
N ASP D 68 -0.08 23.91 25.93
CA ASP D 68 -0.05 22.58 25.29
C ASP D 68 -0.26 22.76 23.80
N PHE D 69 0.14 21.74 23.06
CA PHE D 69 -0.16 21.65 21.63
C PHE D 69 -1.00 20.42 21.42
N ASN D 70 -2.29 20.57 21.17
CA ASN D 70 -3.19 19.44 21.01
C ASN D 70 -3.15 19.10 19.52
N ILE D 71 -2.43 18.03 19.23
CA ILE D 71 -2.19 17.59 17.86
C ILE D 71 -3.40 16.77 17.38
N GLU D 72 -4.00 17.22 16.27
CA GLU D 72 -5.10 16.53 15.58
C GLU D 72 -4.59 15.51 14.56
N HIS D 73 -3.54 15.88 13.81
CA HIS D 73 -2.94 14.95 12.86
C HIS D 73 -1.48 15.31 12.69
N MSE D 74 -0.69 14.29 12.48
CA MSE D 74 0.70 14.52 12.15
CA MSE D 74 0.78 14.40 12.29
C MSE D 74 1.18 13.49 11.17
O MSE D 74 0.69 12.35 11.13
CB MSE D 74 1.57 14.55 13.41
CB MSE D 74 1.56 13.96 13.56
CG MSE D 74 1.46 13.34 14.25
CG MSE D 74 3.11 13.87 13.39
SE MSE D 74 2.80 13.36 15.66
SE MSE D 74 4.18 13.93 15.09
CE MSE D 74 4.38 13.82 14.63
CE MSE D 74 3.55 12.22 15.75
N PHE D 75 2.08 13.93 10.31
CA PHE D 75 2.68 13.07 9.29
C PHE D 75 4.06 13.57 8.92
N ASN D 76 4.77 12.81 8.13
CA ASN D 76 6.11 13.15 7.69
C ASN D 76 6.46 12.59 6.30
N THR D 77 7.33 13.29 5.59
CA THR D 77 8.14 12.76 4.48
C THR D 77 9.60 12.92 4.87
N GLY D 78 10.29 11.79 5.07
CA GLY D 78 11.62 11.81 5.63
C GLY D 78 11.78 12.77 6.81
N PRO D 79 12.78 13.70 6.72
CA PRO D 79 13.15 14.56 7.85
C PRO D 79 12.10 15.56 8.20
N LEU D 80 11.09 15.70 7.33
CA LEU D 80 10.13 16.82 7.52
C LEU D 80 8.83 16.32 8.14
N VAL D 81 8.53 16.81 9.33
CA VAL D 81 7.32 16.48 10.08
C VAL D 81 6.33 17.66 10.09
N VAL D 82 5.05 17.36 9.77
CA VAL D 82 3.95 18.35 9.74
C VAL D 82 2.99 17.96 10.85
N MSE D 83 2.62 18.93 11.65
CA MSE D 83 1.68 18.73 12.78
C MSE D 83 0.55 19.75 12.72
O MSE D 83 0.80 20.98 12.66
CB MSE D 83 2.41 18.89 14.11
CG MSE D 83 3.25 17.71 14.48
SE MSE D 83 4.57 18.11 15.84
CE MSE D 83 5.61 19.13 14.66
N ILE D 84 -0.68 19.26 12.67
CA ILE D 84 -1.87 20.13 12.58
C ILE D 84 -2.59 20.09 13.90
N GLY D 85 -2.97 21.22 14.47
CA GLY D 85 -3.61 21.15 15.74
C GLY D 85 -3.98 22.49 16.31
N ASN D 86 -4.12 22.54 17.64
CA ASN D 86 -4.45 23.77 18.35
C ASN D 86 -3.48 23.97 19.53
N TYR D 87 -3.00 25.21 19.68
CA TYR D 87 -2.15 25.60 20.84
C TYR D 87 -2.98 26.26 21.92
N HIS D 88 -3.00 25.68 23.11
CA HIS D 88 -3.76 26.29 24.21
CA HIS D 88 -3.75 26.31 24.23
C HIS D 88 -2.76 26.97 25.18
N LEU D 89 -3.05 28.19 25.59
CA LEU D 89 -2.21 28.91 26.50
C LEU D 89 -3.04 29.71 27.50
N ARG D 90 -2.69 29.59 28.78
CA ARG D 90 -3.23 30.41 29.85
C ARG D 90 -2.06 31.09 30.57
N GLY D 91 -2.13 32.39 30.79
CA GLY D 91 -0.99 33.05 31.38
C GLY D 91 -1.18 34.54 31.46
N PRO D 92 -0.17 35.25 32.01
CA PRO D 92 -0.31 36.71 32.13
C PRO D 92 -0.38 37.36 30.75
N GLY D 93 -1.20 38.40 30.67
CA GLY D 93 -1.58 39.03 29.42
C GLY D 93 -0.58 40.01 28.84
N GLU D 94 0.46 40.37 29.58
CA GLU D 94 1.49 41.33 29.14
C GLU D 94 2.08 41.01 27.74
N GLN D 95 2.52 39.77 27.56
CA GLN D 95 3.10 39.31 26.28
C GLN D 95 2.14 39.45 25.09
N PHE D 96 0.85 39.62 25.38
CA PHE D 96 -0.21 39.69 24.37
C PHE D 96 -0.89 41.04 24.38
N GLY D 97 -0.19 42.03 24.94
CA GLY D 97 -0.73 43.39 25.08
C GLY D 97 -1.99 43.51 25.93
N LYS D 98 -2.18 42.59 26.89
CA LYS D 98 -3.30 42.66 27.85
C LYS D 98 -2.72 42.71 29.28
N PRO D 99 -2.03 43.80 29.65
CA PRO D 99 -1.39 43.83 30.96
C PRO D 99 -2.36 43.70 32.17
N GLY D 100 -1.89 43.09 33.25
CA GLY D 100 -2.71 43.02 34.50
C GLY D 100 -3.89 42.08 34.40
N LYS D 101 -3.85 41.15 33.45
CA LYS D 101 -4.95 40.23 33.21
C LYS D 101 -4.36 38.82 33.08
N ILE D 102 -5.18 37.80 33.28
CA ILE D 102 -4.79 36.45 32.92
C ILE D 102 -5.63 36.05 31.69
N ILE D 103 -4.94 35.74 30.59
CA ILE D 103 -5.60 35.37 29.36
C ILE D 103 -5.62 33.87 29.17
N ASP D 104 -6.59 33.40 28.38
CA ASP D 104 -6.78 31.98 28.13
C ASP D 104 -7.25 31.82 26.67
N ILE D 105 -6.42 31.19 25.82
CA ILE D 105 -6.66 31.16 24.37
C ILE D 105 -6.42 29.78 23.79
N ALA D 106 -7.03 29.53 22.63
CA ALA D 106 -6.89 28.26 21.91
C ALA D 106 -6.79 28.60 20.42
N ILE D 107 -5.59 28.40 19.87
CA ILE D 107 -5.19 28.95 18.56
C ILE D 107 -4.93 27.82 17.58
N PRO D 108 -5.74 27.70 16.49
CA PRO D 108 -5.35 26.76 15.44
C PRO D 108 -3.96 27.10 14.93
N GLY D 109 -3.18 26.07 14.64
CA GLY D 109 -1.93 26.28 13.95
C GLY D 109 -1.40 25.02 13.30
N VAL D 110 -0.42 25.21 12.41
CA VAL D 110 0.32 24.13 11.78
C VAL D 110 1.81 24.42 12.04
N THR D 111 2.49 23.43 12.59
CA THR D 111 3.91 23.54 12.89
C THR D 111 4.62 22.49 12.08
N THR D 112 5.69 22.90 11.44
CA THR D 112 6.58 21.91 10.82
C THR D 112 7.96 21.87 11.49
N LEU D 113 8.53 20.68 11.55
CA LEU D 113 9.85 20.45 12.14
C LEU D 113 10.70 19.59 11.21
N LYS D 114 11.91 20.06 10.92
CA LYS D 114 12.82 19.34 10.05
CA LYS D 114 12.82 19.30 10.06
C LYS D 114 14.04 18.97 10.87
N PHE D 115 14.30 17.68 11.01
CA PHE D 115 15.44 17.21 11.79
C PHE D 115 16.58 16.71 10.90
N ASP D 116 17.81 16.93 11.35
CA ASP D 116 18.97 16.35 10.69
C ASP D 116 19.04 14.81 10.85
N PRO D 117 19.11 14.07 9.75
CA PRO D 117 19.17 12.61 9.79
C PRO D 117 20.37 12.04 10.57
N ASN D 118 21.49 12.74 10.59
CA ASN D 118 22.69 12.25 11.26
C ASN D 118 22.77 12.53 12.77
N THR D 119 22.28 13.68 13.21
CA THR D 119 22.43 14.09 14.60
C THR D 119 21.10 14.15 15.40
N GLN D 120 19.96 14.15 14.70
CA GLN D 120 18.62 14.21 15.30
C GLN D 120 18.32 15.59 15.88
N ARG D 121 19.11 16.58 15.52
CA ARG D 121 18.85 17.98 15.93
C ARG D 121 17.89 18.68 14.95
N LEU D 122 17.21 19.69 15.46
CA LEU D 122 16.28 20.50 14.68
C LEU D 122 17.02 21.45 13.75
N THR D 123 16.73 21.37 12.47
CA THR D 123 17.29 22.26 11.47
C THR D 123 16.39 23.46 11.40
N GLU D 124 15.09 23.22 11.27
CA GLU D 124 14.15 24.32 11.17
C GLU D 124 12.78 23.96 11.74
N GLN D 125 12.19 24.90 12.49
CA GLN D 125 10.77 24.92 12.87
C GLN D 125 10.13 26.05 12.18
N VAL D 126 8.98 25.78 11.52
CA VAL D 126 8.18 26.79 10.93
C VAL D 126 6.78 26.74 11.54
N ASP D 127 6.30 27.90 12.00
CA ASP D 127 4.97 27.97 12.56
C ASP D 127 4.04 28.76 11.65
N LEU D 128 2.81 28.25 11.53
CA LEU D 128 1.69 28.97 10.91
C LEU D 128 0.55 29.07 11.92
N MSE D 129 0.33 30.26 12.47
CA MSE D 129 -0.58 30.43 13.60
C MSE D 129 -1.76 31.29 13.24
O MSE D 129 -1.59 32.33 12.59
CB MSE D 129 0.15 31.07 14.81
CG MSE D 129 1.32 30.30 15.34
SE MSE D 129 0.73 28.66 16.25
CE MSE D 129 -0.62 29.44 17.22
N ASP D 130 -2.95 30.88 13.69
CA ASP D 130 -4.17 31.65 13.45
C ASP D 130 -4.32 32.84 14.42
N TYR D 131 -3.58 33.89 14.15
CA TYR D 131 -3.54 35.08 14.97
C TYR D 131 -4.82 35.90 14.99
N GLN D 132 -5.63 35.87 13.93
CA GLN D 132 -6.92 36.55 14.01
C GLN D 132 -7.86 35.91 15.02
N THR D 133 -7.87 34.57 15.08
CA THR D 133 -8.65 33.81 16.04
C THR D 133 -8.21 34.20 17.47
N MSE D 134 -6.90 34.31 17.69
CA MSE D 134 -6.37 34.82 18.96
C MSE D 134 -6.96 36.17 19.31
O MSE D 134 -7.48 36.37 20.42
CB MSE D 134 -4.84 34.92 18.93
CG MSE D 134 -4.23 35.03 20.30
SE MSE D 134 -2.31 35.26 20.21
CE MSE D 134 -2.33 37.06 19.77
N SER D 135 -6.87 37.12 18.39
CA SER D 135 -7.42 38.46 18.61
CA SER D 135 -7.43 38.46 18.63
C SER D 135 -8.93 38.42 18.95
N ASP D 136 -9.68 37.63 18.20
CA ASP D 136 -11.12 37.49 18.43
C ASP D 136 -11.44 37.02 19.87
N GLN D 137 -10.72 35.98 20.30
CA GLN D 137 -10.78 35.50 21.70
C GLN D 137 -10.35 36.57 22.73
N LEU D 138 -9.26 37.28 22.48
CA LEU D 138 -8.77 38.27 23.43
C LEU D 138 -9.68 39.51 23.54
N GLN D 139 -10.48 39.80 22.51
CA GLN D 139 -11.41 40.97 22.58
C GLN D 139 -12.28 40.98 23.83
N SER D 140 -12.73 39.80 24.25
CA SER D 140 -13.63 39.65 25.42
C SER D 140 -12.93 39.38 26.76
N GLN D 141 -11.59 39.44 26.77
CA GLN D 141 -10.79 39.19 27.97
C GLN D 141 -10.08 40.47 28.47
#